data_3IVN
#
_entry.id   3IVN
#
_cell.length_a   124.930
_cell.length_b   46.330
_cell.length_c   87.240
_cell.angle_alpha   90.00
_cell.angle_beta   120.04
_cell.angle_gamma   90.00
#
_symmetry.space_group_name_H-M   'C 1 2 1'
#
loop_
_entity.id
_entity.type
_entity.pdbx_description
1 polymer A-riboswitch
2 non-polymer 'MAGNESIUM ION'
3 non-polymer 'BROMIDE ION'
4 water water
#
_entity_poly.entity_id   1
_entity_poly.type   'polyribonucleotide'
_entity_poly.pdbx_seq_one_letter_code
;GGCCAGUAUAACCUCAAUGAUAUGGUUUGAGGGUGUCUACCAGGAACCGUAAAAUCCUGACUACUGGUC(23G)
;
_entity_poly.pdbx_strand_id   A,B
#